data_6KPM
#
_entry.id   6KPM
#
_cell.length_a   105.809
_cell.length_b   105.809
_cell.length_c   62.930
_cell.angle_alpha   90.000
_cell.angle_beta   90.000
_cell.angle_gamma   120.000
#
_symmetry.space_group_name_H-M   'P 65'
#
loop_
_entity.id
_entity.type
_entity.pdbx_description
1 polymer Chitinase
2 non-polymer alpha-L-fucopyranose
3 non-polymer 'TRIETHYLENE GLYCOL'
4 non-polymer DI(HYDROXYETHYL)ETHER
5 water water
#
_entity_poly.entity_id   1
_entity_poly.type   'polypeptide(L)'
_entity_poly.pdbx_seq_one_letter_code
;MSSSVCPSDNTHATGAALQKILDYKKGDHQIMAGYFRSWRDTASGTGNKVSMLDLPDCLDIAFVFPEGDETASFWTTLKD
TYVPALHGRGIKVVRSVGIAQLINTAWDNTPAGWQGLADALMKTVDDYGLDGLDIDVEQSLNANQLKQATGVFNALAKKL
GPKSGTGKLLIFDTNMDGTQPLWRNVYPTISYVLIQSYGRSISGLQTTYNSFKSYISSKQYLIGFSFYEENGTNWGDTTT
PMTSSRAWQYAKWQPSGATKGGIFSYAIDRDGVAIGDNTLKTTDFTWTRQLIGAMNPHHHHHH
;
_entity_poly.pdbx_strand_id   A
#
# COMPACT_ATOMS: atom_id res chain seq x y z
N SER A 3 -10.04 -3.91 -17.64
CA SER A 3 -9.84 -2.45 -17.32
C SER A 3 -9.84 -1.55 -18.58
N SER A 4 -10.39 -2.04 -19.71
CA SER A 4 -10.58 -1.29 -21.00
C SER A 4 -11.12 0.14 -20.75
N VAL A 5 -11.86 0.37 -19.65
CA VAL A 5 -12.51 1.68 -19.29
C VAL A 5 -11.51 2.67 -18.68
N CYS A 6 -10.27 2.25 -18.39
CA CYS A 6 -9.18 3.11 -17.87
C CYS A 6 -8.57 3.92 -19.01
N PRO A 7 -8.11 5.17 -18.78
CA PRO A 7 -7.47 5.97 -19.84
C PRO A 7 -6.10 5.41 -20.28
N SER A 8 -5.77 5.60 -21.56
CA SER A 8 -4.46 5.25 -22.18
C SER A 8 -3.43 6.34 -21.86
N ASP A 9 -3.88 7.49 -21.35
CA ASP A 9 -3.00 8.50 -20.71
C ASP A 9 -3.47 8.73 -19.26
N ASN A 10 -3.04 9.82 -18.62
CA ASN A 10 -3.35 10.09 -17.19
C ASN A 10 -4.49 11.10 -17.06
N THR A 11 -5.47 11.07 -17.96
CA THR A 11 -6.70 11.90 -17.84
C THR A 11 -7.40 11.59 -16.52
N HIS A 12 -7.89 12.62 -15.85
CA HIS A 12 -8.82 12.47 -14.72
C HIS A 12 -10.23 12.61 -15.31
N ALA A 13 -10.95 11.49 -15.45
CA ALA A 13 -12.31 11.41 -16.04
C ALA A 13 -13.27 12.18 -15.15
N THR A 14 -14.46 12.55 -15.65
CA THR A 14 -15.38 13.52 -14.97
C THR A 14 -16.84 13.07 -14.93
N GLY A 15 -17.34 12.34 -15.93
CA GLY A 15 -18.80 12.19 -16.08
C GLY A 15 -19.21 10.74 -16.05
N ALA A 16 -19.88 10.29 -17.10
CA ALA A 16 -20.13 8.86 -17.40
C ALA A 16 -18.78 8.14 -17.58
N ALA A 17 -17.74 8.83 -18.02
CA ALA A 17 -16.38 8.28 -18.17
C ALA A 17 -15.84 7.90 -16.77
N LEU A 18 -16.04 8.79 -15.79
CA LEU A 18 -15.66 8.52 -14.38
C LEU A 18 -16.51 7.37 -13.84
N GLN A 19 -17.84 7.40 -14.04
CA GLN A 19 -18.78 6.38 -13.51
C GLN A 19 -18.35 4.97 -13.90
N LYS A 20 -17.85 4.79 -15.13
CA LYS A 20 -17.40 3.50 -15.68
C LYS A 20 -16.19 3.01 -14.88
N ILE A 21 -15.31 3.92 -14.51
CA ILE A 21 -14.12 3.62 -13.66
C ILE A 21 -14.62 3.24 -12.25
N LEU A 22 -15.52 4.02 -11.65
CA LEU A 22 -16.12 3.69 -10.32
C LEU A 22 -16.77 2.30 -10.40
N ASP A 23 -17.38 1.93 -11.54
CA ASP A 23 -18.05 0.61 -11.69
C ASP A 23 -16.97 -0.47 -11.81
N TYR A 24 -15.91 -0.24 -12.60
CA TYR A 24 -14.77 -1.18 -12.76
C TYR A 24 -14.26 -1.57 -11.37
N LYS A 25 -14.17 -0.59 -10.48
CA LYS A 25 -13.53 -0.76 -9.16
C LYS A 25 -14.44 -1.58 -8.25
N LYS A 26 -15.76 -1.50 -8.45
CA LYS A 26 -16.74 -2.24 -7.61
C LYS A 26 -16.76 -3.70 -8.05
N GLY A 27 -16.31 -4.02 -9.26
CA GLY A 27 -16.38 -5.38 -9.82
C GLY A 27 -15.11 -6.16 -9.55
N ASP A 28 -15.12 -7.46 -9.84
CA ASP A 28 -13.93 -8.33 -9.73
C ASP A 28 -12.80 -7.74 -10.60
N HIS A 29 -11.59 -7.69 -10.04
CA HIS A 29 -10.37 -7.28 -10.77
C HIS A 29 -9.19 -7.41 -9.84
N GLN A 30 -8.01 -7.65 -10.39
CA GLN A 30 -6.73 -7.60 -9.66
C GLN A 30 -6.45 -6.13 -9.33
N ILE A 31 -6.12 -5.85 -8.08
CA ILE A 31 -5.98 -4.46 -7.62
C ILE A 31 -4.53 -3.97 -7.73
N MET A 32 -4.41 -2.67 -7.81
CA MET A 32 -3.11 -1.96 -7.87
C MET A 32 -3.05 -1.03 -6.66
N ALA A 33 -2.02 -1.16 -5.86
CA ALA A 33 -1.79 -0.20 -4.76
C ALA A 33 -0.42 0.46 -4.97
N GLY A 34 -0.21 1.60 -4.32
CA GLY A 34 1.02 2.41 -4.43
C GLY A 34 1.32 3.14 -3.14
N TYR A 35 2.57 3.03 -2.71
CA TYR A 35 3.14 3.82 -1.60
C TYR A 35 3.61 5.16 -2.15
N PHE A 36 2.93 6.23 -1.75
CA PHE A 36 3.25 7.64 -2.06
C PHE A 36 4.05 8.20 -0.89
N ARG A 37 5.34 8.38 -1.13
CA ARG A 37 6.29 8.89 -0.10
C ARG A 37 5.85 10.32 0.21
N SER A 38 5.36 10.60 1.41
CA SER A 38 4.72 11.89 1.76
C SER A 38 5.70 13.07 1.60
N TRP A 39 6.94 12.85 1.98
CA TRP A 39 8.02 13.88 1.94
C TRP A 39 8.36 14.22 0.49
N ARG A 40 7.79 13.49 -0.48
CA ARG A 40 8.03 13.77 -1.92
C ARG A 40 6.82 14.44 -2.55
N ASP A 41 5.76 14.68 -1.77
CA ASP A 41 4.56 15.37 -2.27
C ASP A 41 4.88 16.87 -2.44
N THR A 42 4.32 17.50 -3.47
CA THR A 42 4.51 18.97 -3.72
C THR A 42 3.94 19.80 -2.58
N ALA A 43 3.03 19.25 -1.77
CA ALA A 43 2.47 19.98 -0.60
C ALA A 43 3.38 19.82 0.62
N SER A 44 4.54 19.17 0.49
CA SER A 44 5.53 19.03 1.58
C SER A 44 6.84 19.71 1.16
N GLY A 45 7.39 20.55 2.04
CA GLY A 45 8.66 21.27 1.88
C GLY A 45 8.78 21.94 0.54
N THR A 46 9.93 21.82 -0.11
CA THR A 46 10.20 22.46 -1.42
C THR A 46 10.92 21.46 -2.31
N GLY A 47 10.84 21.65 -3.62
CA GLY A 47 11.65 20.91 -4.59
C GLY A 47 10.92 19.71 -5.19
N ASN A 48 9.76 19.34 -4.66
CA ASN A 48 9.10 18.09 -5.13
C ASN A 48 8.34 18.37 -6.42
N LYS A 49 8.06 17.34 -7.21
CA LYS A 49 7.43 17.48 -8.55
C LYS A 49 6.05 16.80 -8.63
N VAL A 50 5.73 15.82 -7.76
CA VAL A 50 4.49 14.99 -7.88
C VAL A 50 3.52 15.31 -6.75
N SER A 51 2.23 15.36 -7.07
CA SER A 51 1.14 15.55 -6.09
C SER A 51 0.34 14.26 -6.02
N MET A 52 -0.15 13.93 -4.83
CA MET A 52 -1.12 12.81 -4.73
C MET A 52 -2.33 13.08 -5.62
N LEU A 53 -2.66 14.35 -5.91
CA LEU A 53 -3.74 14.72 -6.88
C LEU A 53 -3.49 14.14 -8.28
N ASP A 54 -2.23 13.93 -8.64
CA ASP A 54 -1.80 13.38 -9.96
C ASP A 54 -2.18 11.90 -10.06
N LEU A 55 -2.43 11.18 -8.96
CA LEU A 55 -2.50 9.70 -9.00
C LEU A 55 -3.54 9.26 -10.01
N PRO A 56 -3.27 8.15 -10.75
CA PRO A 56 -4.17 7.72 -11.81
C PRO A 56 -5.52 7.20 -11.31
N ASP A 57 -6.57 7.56 -12.05
CA ASP A 57 -7.99 7.26 -11.70
C ASP A 57 -8.12 5.76 -11.40
N CYS A 58 -7.40 4.89 -12.10
CA CYS A 58 -7.61 3.42 -11.99
C CYS A 58 -6.76 2.80 -10.86
N LEU A 59 -6.08 3.64 -10.06
CA LEU A 59 -5.46 3.13 -8.80
C LEU A 59 -6.58 2.63 -7.84
N ASP A 60 -6.35 1.53 -7.10
CA ASP A 60 -7.32 1.04 -6.07
C ASP A 60 -6.99 1.63 -4.69
N ILE A 61 -5.73 1.61 -4.28
CA ILE A 61 -5.28 2.07 -2.92
C ILE A 61 -4.00 2.92 -3.05
N ALA A 62 -4.04 4.08 -2.45
CA ALA A 62 -2.87 4.96 -2.22
C ALA A 62 -2.48 4.86 -0.73
N PHE A 63 -1.23 4.51 -0.44
CA PHE A 63 -0.68 4.59 0.94
C PHE A 63 0.00 5.94 1.15
N VAL A 64 -0.45 6.63 2.18
CA VAL A 64 0.24 7.78 2.81
C VAL A 64 1.37 7.20 3.65
N PHE A 65 2.58 7.42 3.17
CA PHE A 65 3.81 6.80 3.70
C PHE A 65 4.80 7.90 4.08
N PRO A 66 4.74 8.40 5.34
CA PRO A 66 5.63 9.47 5.81
C PRO A 66 6.86 8.95 6.54
N GLU A 67 7.83 9.85 6.68
CA GLU A 67 9.08 9.61 7.44
C GLU A 67 9.13 10.46 8.71
N GLY A 68 8.27 11.47 8.81
CA GLY A 68 8.03 12.19 10.08
C GLY A 68 8.60 13.62 10.06
N ASP A 69 9.26 14.03 8.97
CA ASP A 69 9.79 15.43 8.81
C ASP A 69 8.91 16.17 7.81
N GLU A 70 7.70 15.69 7.50
CA GLU A 70 6.83 16.37 6.50
C GLU A 70 6.41 17.71 7.11
N THR A 71 6.18 18.73 6.27
CA THR A 71 5.63 20.03 6.76
C THR A 71 4.15 19.86 7.07
N ALA A 72 3.63 20.67 8.01
CA ALA A 72 2.21 20.72 8.40
C ALA A 72 1.34 20.86 7.14
N SER A 73 1.75 21.68 6.17
CA SER A 73 0.98 21.92 4.93
C SER A 73 0.62 20.59 4.24
N PHE A 74 1.49 19.58 4.30
CA PHE A 74 1.17 18.27 3.66
C PHE A 74 -0.09 17.67 4.30
N TRP A 75 -0.14 17.65 5.63
CA TRP A 75 -1.24 17.02 6.39
C TRP A 75 -2.53 17.81 6.17
N THR A 76 -2.46 19.14 6.16
CA THR A 76 -3.64 20.00 5.81
C THR A 76 -4.15 19.66 4.40
N THR A 77 -3.26 19.61 3.43
CA THR A 77 -3.67 19.33 2.03
C THR A 77 -4.25 17.93 1.92
N LEU A 78 -3.66 16.95 2.60
CA LEU A 78 -4.19 15.57 2.56
C LEU A 78 -5.65 15.57 3.04
N LYS A 79 -5.88 16.15 4.19
CA LYS A 79 -7.23 16.19 4.81
C LYS A 79 -8.21 16.98 3.93
N ASP A 80 -7.86 18.20 3.53
CA ASP A 80 -8.84 19.14 2.91
C ASP A 80 -9.00 18.91 1.42
N THR A 81 -7.97 18.44 0.71
CA THR A 81 -7.94 18.37 -0.77
C THR A 81 -7.71 16.94 -1.29
N TYR A 82 -6.65 16.27 -0.88
CA TYR A 82 -6.27 14.99 -1.54
C TYR A 82 -7.30 13.91 -1.28
N VAL A 83 -7.71 13.72 -0.02
CA VAL A 83 -8.60 12.58 0.32
C VAL A 83 -9.93 12.74 -0.43
N PRO A 84 -10.59 13.92 -0.40
CA PRO A 84 -11.83 14.10 -1.16
C PRO A 84 -11.68 13.80 -2.65
N ALA A 85 -10.61 14.30 -3.28
CA ALA A 85 -10.32 14.15 -4.72
C ALA A 85 -10.08 12.68 -5.08
N LEU A 86 -9.27 11.97 -4.27
CA LEU A 86 -9.01 10.52 -4.49
C LEU A 86 -10.29 9.73 -4.25
N HIS A 87 -11.08 10.07 -3.23
CA HIS A 87 -12.38 9.41 -2.97
C HIS A 87 -13.31 9.64 -4.17
N GLY A 88 -13.30 10.82 -4.79
CA GLY A 88 -14.09 11.10 -6.02
C GLY A 88 -13.70 10.17 -7.15
N ARG A 89 -12.48 9.62 -7.13
CA ARG A 89 -12.02 8.67 -8.16
C ARG A 89 -12.18 7.22 -7.73
N GLY A 90 -12.75 6.95 -6.56
CA GLY A 90 -12.89 5.58 -6.03
C GLY A 90 -11.55 5.01 -5.63
N ILE A 91 -10.63 5.89 -5.26
CA ILE A 91 -9.29 5.49 -4.77
C ILE A 91 -9.35 5.51 -3.23
N LYS A 92 -8.99 4.38 -2.62
CA LYS A 92 -8.91 4.31 -1.15
C LYS A 92 -7.56 4.87 -0.72
N VAL A 93 -7.57 5.50 0.44
CA VAL A 93 -6.38 6.17 1.01
C VAL A 93 -6.18 5.59 2.41
N VAL A 94 -5.02 4.98 2.62
CA VAL A 94 -4.66 4.20 3.83
C VAL A 94 -3.38 4.82 4.41
N ARG A 95 -3.38 5.04 5.72
CA ARG A 95 -2.17 5.53 6.41
C ARG A 95 -1.27 4.34 6.73
N SER A 96 0.03 4.48 6.42
CA SER A 96 1.05 3.47 6.77
C SER A 96 1.75 3.91 8.05
N VAL A 97 2.01 2.96 8.94
CA VAL A 97 2.83 3.17 10.16
C VAL A 97 3.75 1.97 10.34
N GLY A 98 4.98 2.21 10.77
CA GLY A 98 5.92 1.11 11.05
C GLY A 98 5.53 0.33 12.29
N ILE A 99 5.87 -0.96 12.30
CA ILE A 99 5.70 -1.83 13.48
C ILE A 99 6.36 -1.19 14.70
N ALA A 100 7.37 -0.33 14.52
CA ALA A 100 8.06 0.27 15.69
C ALA A 100 7.02 1.05 16.51
N GLN A 101 6.01 1.61 15.86
CA GLN A 101 4.98 2.44 16.55
C GLN A 101 4.13 1.57 17.47
N LEU A 102 3.97 0.27 17.18
CA LEU A 102 3.04 -0.59 17.94
C LEU A 102 3.80 -1.30 19.06
N ILE A 103 5.14 -1.14 19.13
CA ILE A 103 5.98 -1.83 20.14
C ILE A 103 6.72 -0.77 20.97
N ASN A 104 6.24 0.48 20.87
CA ASN A 104 6.83 1.67 21.54
C ASN A 104 6.60 1.48 23.04
N THR A 105 7.68 1.45 23.84
CA THR A 105 7.56 1.15 25.29
C THR A 105 7.09 2.39 26.08
N ALA A 106 6.88 3.56 25.46
CA ALA A 106 6.18 4.69 26.13
C ALA A 106 4.72 4.30 26.41
N TRP A 107 4.20 3.33 25.65
CA TRP A 107 2.82 2.85 25.82
C TRP A 107 2.86 1.58 26.66
N ASP A 108 2.03 1.53 27.71
CA ASP A 108 1.95 0.39 28.65
C ASP A 108 1.68 -0.90 27.87
N ASN A 109 2.39 -1.96 28.26
CA ASN A 109 2.22 -3.30 27.65
C ASN A 109 1.14 -4.06 28.40
N THR A 110 -0.08 -3.54 28.35
CA THR A 110 -1.26 -4.01 29.09
C THR A 110 -2.46 -3.82 28.20
N PRO A 111 -3.59 -4.49 28.47
CA PRO A 111 -4.83 -4.26 27.73
C PRO A 111 -5.15 -2.77 27.60
N ALA A 112 -5.05 -2.00 28.69
CA ALA A 112 -5.37 -0.56 28.64
C ALA A 112 -4.36 0.14 27.72
N GLY A 113 -3.08 -0.22 27.77
CA GLY A 113 -2.06 0.36 26.88
C GLY A 113 -2.27 -0.01 25.42
N TRP A 114 -2.66 -1.24 25.16
CA TRP A 114 -2.93 -1.65 23.74
C TRP A 114 -4.07 -0.83 23.20
N GLN A 115 -5.13 -0.66 24.00
CA GLN A 115 -6.27 0.17 23.62
C GLN A 115 -5.82 1.62 23.43
N GLY A 116 -5.07 2.20 24.36
CA GLY A 116 -4.63 3.59 24.26
C GLY A 116 -3.84 3.86 22.99
N LEU A 117 -2.94 2.94 22.66
CA LEU A 117 -2.07 3.03 21.47
C LEU A 117 -2.95 2.83 20.22
N ALA A 118 -3.89 1.88 20.21
CA ALA A 118 -4.84 1.75 19.08
C ALA A 118 -5.62 3.05 18.89
N ASP A 119 -6.07 3.68 19.98
CA ASP A 119 -6.87 4.92 19.92
C ASP A 119 -6.01 5.98 19.23
N ALA A 120 -4.74 6.04 19.57
CA ALA A 120 -3.84 7.07 19.03
C ALA A 120 -3.64 6.81 17.53
N LEU A 121 -3.44 5.55 17.17
CA LEU A 121 -3.31 5.16 15.74
C LEU A 121 -4.61 5.44 14.97
N MET A 122 -5.77 5.24 15.58
CA MET A 122 -7.05 5.44 14.87
C MET A 122 -7.23 6.93 14.58
N LYS A 123 -6.62 7.84 15.37
CA LYS A 123 -6.69 9.30 15.08
C LYS A 123 -6.01 9.56 13.74
N THR A 124 -4.95 8.84 13.36
CA THR A 124 -4.29 9.05 12.04
C THR A 124 -5.22 8.64 10.91
N VAL A 125 -6.18 7.76 11.17
CA VAL A 125 -7.21 7.38 10.18
C VAL A 125 -8.38 8.36 10.26
N ASP A 126 -8.99 8.52 11.43
CA ASP A 126 -10.28 9.23 11.56
C ASP A 126 -10.08 10.73 11.28
N ASP A 127 -8.97 11.33 11.70
CA ASP A 127 -8.82 12.79 11.58
C ASP A 127 -8.67 13.16 10.11
N TYR A 128 -8.32 12.24 9.24
CA TYR A 128 -8.00 12.54 7.82
C TYR A 128 -9.07 11.96 6.92
N GLY A 129 -10.09 11.30 7.48
CA GLY A 129 -11.12 10.64 6.67
C GLY A 129 -10.61 9.44 5.88
N LEU A 130 -9.60 8.72 6.39
CA LEU A 130 -8.93 7.63 5.61
C LEU A 130 -9.70 6.31 5.68
N ASP A 131 -9.36 5.40 4.80
CA ASP A 131 -10.03 4.10 4.58
C ASP A 131 -9.39 2.98 5.39
N GLY A 132 -8.29 3.28 6.08
CA GLY A 132 -7.74 2.32 7.03
C GLY A 132 -6.28 2.60 7.33
N LEU A 133 -5.63 1.56 7.83
CA LEU A 133 -4.26 1.58 8.38
C LEU A 133 -3.52 0.39 7.79
N ASP A 134 -2.25 0.64 7.51
CA ASP A 134 -1.27 -0.34 6.98
C ASP A 134 -0.10 -0.39 7.97
N ILE A 135 0.21 -1.56 8.49
CA ILE A 135 1.33 -1.76 9.44
C ILE A 135 2.47 -2.39 8.62
N ASP A 136 3.63 -1.73 8.66
CA ASP A 136 4.86 -2.17 7.94
C ASP A 136 5.71 -3.00 8.92
N VAL A 137 5.78 -4.30 8.69
CA VAL A 137 6.48 -5.26 9.55
C VAL A 137 7.76 -5.75 8.84
N GLU A 138 8.92 -5.27 9.26
CA GLU A 138 10.23 -5.65 8.63
C GLU A 138 11.23 -6.03 9.72
N GLN A 139 10.76 -6.55 10.84
CA GLN A 139 11.68 -7.03 11.91
C GLN A 139 11.01 -8.16 12.67
N SER A 140 11.83 -8.99 13.34
CA SER A 140 11.34 -9.99 14.28
C SER A 140 11.05 -9.26 15.59
N LEU A 141 10.25 -9.85 16.45
CA LEU A 141 9.81 -9.27 17.75
C LEU A 141 10.23 -10.21 18.89
N ASN A 142 10.69 -9.66 20.02
CA ASN A 142 10.86 -10.48 21.27
C ASN A 142 9.49 -10.75 21.87
N ALA A 143 9.39 -11.57 22.91
CA ALA A 143 8.13 -12.02 23.51
C ALA A 143 7.30 -10.76 23.90
N ASN A 144 7.93 -9.74 24.51
CA ASN A 144 7.17 -8.56 25.02
C ASN A 144 6.65 -7.72 23.85
N GLN A 145 7.48 -7.52 22.84
CA GLN A 145 7.11 -6.78 21.62
C GLN A 145 5.94 -7.49 20.93
N LEU A 146 5.98 -8.82 20.85
CA LEU A 146 4.97 -9.63 20.15
C LEU A 146 3.65 -9.46 20.88
N LYS A 147 3.69 -9.53 22.22
CA LYS A 147 2.48 -9.34 23.05
C LYS A 147 1.88 -7.97 22.80
N GLN A 148 2.72 -6.92 22.79
CA GLN A 148 2.20 -5.53 22.66
C GLN A 148 1.61 -5.36 21.25
N ALA A 149 2.36 -5.72 20.22
CA ALA A 149 1.85 -5.61 18.82
C ALA A 149 0.54 -6.39 18.62
N THR A 150 0.47 -7.62 19.12
CA THR A 150 -0.73 -8.47 19.01
C THR A 150 -1.91 -7.77 19.68
N GLY A 151 -1.70 -7.29 20.92
CA GLY A 151 -2.71 -6.49 21.62
C GLY A 151 -3.21 -5.29 20.83
N VAL A 152 -2.31 -4.57 20.21
CA VAL A 152 -2.73 -3.36 19.45
C VAL A 152 -3.53 -3.81 18.23
N PHE A 153 -3.05 -4.80 17.47
CA PHE A 153 -3.82 -5.30 16.32
C PHE A 153 -5.24 -5.70 16.77
N ASN A 154 -5.36 -6.42 17.88
CA ASN A 154 -6.68 -6.93 18.34
C ASN A 154 -7.58 -5.73 18.72
N ALA A 155 -7.02 -4.68 19.30
CA ALA A 155 -7.79 -3.43 19.61
C ALA A 155 -8.19 -2.69 18.31
N LEU A 156 -7.29 -2.61 17.32
CA LEU A 156 -7.56 -1.97 16.01
C LEU A 156 -8.69 -2.74 15.32
N ALA A 157 -8.72 -4.05 15.49
CA ALA A 157 -9.65 -4.92 14.74
C ALA A 157 -11.09 -4.61 15.16
N LYS A 158 -11.32 -3.88 16.25
CA LYS A 158 -12.69 -3.41 16.60
C LYS A 158 -13.16 -2.32 15.61
N LYS A 159 -12.24 -1.60 14.97
CA LYS A 159 -12.57 -0.44 14.12
C LYS A 159 -12.19 -0.69 12.66
N LEU A 160 -11.29 -1.63 12.40
CA LEU A 160 -10.71 -1.80 11.05
C LEU A 160 -10.67 -3.29 10.75
N GLY A 161 -10.82 -3.64 9.48
CA GLY A 161 -10.52 -4.99 9.01
C GLY A 161 -11.73 -5.90 9.17
N PRO A 162 -11.54 -7.18 8.82
CA PRO A 162 -12.62 -8.17 8.72
C PRO A 162 -13.42 -8.37 10.01
N LYS A 163 -12.86 -8.14 11.20
CA LYS A 163 -13.63 -8.36 12.46
C LYS A 163 -14.52 -7.15 12.79
N SER A 164 -14.32 -6.01 12.12
CA SER A 164 -14.90 -4.71 12.56
C SER A 164 -16.28 -4.53 11.94
N GLY A 165 -16.49 -4.99 10.71
CA GLY A 165 -17.74 -4.74 9.97
C GLY A 165 -17.89 -3.32 9.48
N THR A 166 -16.84 -2.51 9.48
CA THR A 166 -16.91 -1.09 9.10
C THR A 166 -16.62 -0.87 7.62
N GLY A 167 -16.05 -1.83 6.93
CA GLY A 167 -15.60 -1.71 5.54
C GLY A 167 -14.22 -1.07 5.45
N LYS A 168 -13.67 -0.64 6.56
CA LYS A 168 -12.32 0.00 6.59
C LYS A 168 -11.25 -1.10 6.65
N LEU A 169 -10.04 -0.77 6.19
CA LEU A 169 -9.01 -1.80 5.94
C LEU A 169 -8.02 -1.85 7.09
N LEU A 170 -7.56 -3.06 7.37
CA LEU A 170 -6.39 -3.27 8.23
C LEU A 170 -5.41 -4.10 7.43
N ILE A 171 -4.29 -3.50 7.07
CA ILE A 171 -3.35 -4.09 6.09
C ILE A 171 -2.02 -4.41 6.80
N PHE A 172 -1.46 -5.56 6.47
CA PHE A 172 -0.16 -6.04 6.97
C PHE A 172 0.78 -6.09 5.76
N ASP A 173 1.78 -5.22 5.74
CA ASP A 173 2.81 -5.26 4.67
C ASP A 173 4.12 -5.68 5.30
N THR A 174 4.87 -6.55 4.65
CA THR A 174 5.99 -7.22 5.30
C THR A 174 7.03 -7.66 4.24
N ASN A 175 8.26 -7.77 4.67
CA ASN A 175 9.34 -8.41 3.87
C ASN A 175 9.65 -9.77 4.45
N MET A 176 8.85 -10.27 5.40
CA MET A 176 9.09 -11.59 6.03
C MET A 176 7.96 -12.53 5.58
N ASP A 177 7.91 -13.75 6.08
CA ASP A 177 6.93 -14.75 5.57
C ASP A 177 5.89 -15.08 6.64
N GLY A 178 5.03 -16.05 6.33
CA GLY A 178 3.85 -16.34 7.15
C GLY A 178 4.19 -17.16 8.38
N THR A 179 5.45 -17.51 8.60
CA THR A 179 5.93 -18.15 9.83
C THR A 179 6.15 -17.09 10.91
N GLN A 180 6.17 -15.79 10.59
CA GLN A 180 6.49 -14.79 11.65
C GLN A 180 5.45 -14.91 12.75
N PRO A 181 5.89 -14.94 14.02
CA PRO A 181 4.92 -15.01 15.12
C PRO A 181 3.82 -13.96 15.07
N LEU A 182 4.15 -12.72 14.74
CA LEU A 182 3.11 -11.66 14.71
C LEU A 182 2.00 -12.04 13.72
N TRP A 183 2.36 -12.58 12.56
CA TRP A 183 1.37 -12.94 11.52
C TRP A 183 0.50 -14.09 12.06
N ARG A 184 1.09 -15.06 12.73
CA ARG A 184 0.36 -16.20 13.31
C ARG A 184 -0.65 -15.70 14.35
N ASN A 185 -0.36 -14.58 15.01
CA ASN A 185 -1.21 -14.00 16.07
C ASN A 185 -2.31 -13.11 15.49
N VAL A 186 -2.09 -12.41 14.36
CA VAL A 186 -3.02 -11.33 13.95
C VAL A 186 -3.70 -11.62 12.62
N TYR A 187 -3.41 -12.75 11.95
CA TYR A 187 -3.99 -13.01 10.61
C TYR A 187 -5.52 -12.91 10.60
N PRO A 188 -6.29 -13.24 11.67
CA PRO A 188 -7.75 -13.08 11.61
C PRO A 188 -8.23 -11.63 11.55
N THR A 189 -7.35 -10.64 11.81
CA THR A 189 -7.71 -9.20 11.78
C THR A 189 -7.47 -8.53 10.43
N ILE A 190 -6.86 -9.22 9.47
CA ILE A 190 -6.23 -8.59 8.29
C ILE A 190 -7.16 -8.58 7.07
N SER A 191 -7.21 -7.44 6.38
CA SER A 191 -7.88 -7.26 5.07
C SER A 191 -6.99 -7.77 3.93
N TYR A 192 -5.80 -7.19 3.80
CA TYR A 192 -4.83 -7.57 2.76
C TYR A 192 -3.47 -7.75 3.38
N VAL A 193 -2.72 -8.70 2.83
CA VAL A 193 -1.31 -8.92 3.21
C VAL A 193 -0.45 -8.59 1.97
N LEU A 194 0.57 -7.75 2.18
CA LEU A 194 1.36 -7.17 1.06
C LEU A 194 2.79 -7.59 1.28
N ILE A 195 3.35 -8.32 0.32
CA ILE A 195 4.73 -8.83 0.46
C ILE A 195 5.67 -7.94 -0.35
N GLN A 196 6.53 -7.22 0.35
CA GLN A 196 7.68 -6.46 -0.21
C GLN A 196 8.58 -7.49 -0.89
N SER A 197 8.64 -7.43 -2.22
CA SER A 197 9.36 -8.45 -2.99
C SER A 197 10.38 -7.78 -3.93
N TYR A 198 10.92 -6.66 -3.52
CA TYR A 198 11.80 -5.84 -4.38
C TYR A 198 13.03 -6.70 -4.71
N GLY A 199 13.38 -6.76 -5.99
CA GLY A 199 14.62 -7.45 -6.41
C GLY A 199 14.56 -8.97 -6.31
N ARG A 200 13.41 -9.60 -6.10
CA ARG A 200 13.39 -11.03 -5.77
C ARG A 200 13.23 -11.86 -7.05
N SER A 201 13.51 -13.15 -6.90
CA SER A 201 13.38 -14.15 -7.98
C SER A 201 11.91 -14.46 -8.24
N ILE A 202 11.48 -14.45 -9.52
CA ILE A 202 10.11 -14.88 -9.91
C ILE A 202 9.90 -16.32 -9.44
N SER A 203 10.97 -17.11 -9.38
CA SER A 203 10.91 -18.55 -9.00
C SER A 203 10.73 -18.77 -7.50
N GLY A 204 10.86 -17.73 -6.67
CA GLY A 204 10.68 -17.87 -5.22
C GLY A 204 9.31 -17.37 -4.75
N LEU A 205 8.45 -16.87 -5.64
CA LEU A 205 7.16 -16.22 -5.28
C LEU A 205 6.21 -17.28 -4.71
N GLN A 206 6.19 -18.47 -5.29
CA GLN A 206 5.25 -19.54 -4.84
C GLN A 206 5.57 -19.95 -3.40
N THR A 207 6.85 -20.08 -3.08
CA THR A 207 7.32 -20.46 -1.73
C THR A 207 6.77 -19.47 -0.69
N THR A 208 6.92 -18.17 -0.95
CA THR A 208 6.45 -17.11 -0.03
C THR A 208 4.93 -17.19 0.09
N TYR A 209 4.22 -17.23 -1.03
CA TYR A 209 2.75 -17.32 -1.02
C TYR A 209 2.32 -18.54 -0.20
N ASN A 210 2.99 -19.67 -0.40
CA ASN A 210 2.66 -20.94 0.29
C ASN A 210 2.77 -20.72 1.82
N SER A 211 3.67 -19.84 2.29
CA SER A 211 3.84 -19.61 3.75
C SER A 211 2.64 -18.84 4.31
N PHE A 212 1.81 -18.22 3.49
CA PHE A 212 0.65 -17.41 3.96
C PHE A 212 -0.67 -18.09 3.64
N LYS A 213 -0.68 -18.98 2.65
CA LYS A 213 -1.94 -19.34 1.95
C LYS A 213 -2.93 -20.03 2.90
N SER A 214 -2.49 -20.69 3.95
CA SER A 214 -3.40 -21.36 4.92
C SER A 214 -4.14 -20.32 5.77
N TYR A 215 -3.75 -19.06 5.72
CA TYR A 215 -4.23 -18.00 6.66
C TYR A 215 -5.10 -16.96 5.99
N ILE A 216 -5.31 -17.07 4.67
CA ILE A 216 -5.97 -16.03 3.83
C ILE A 216 -6.71 -16.75 2.70
N SER A 217 -7.51 -15.99 1.95
CA SER A 217 -7.84 -16.37 0.57
C SER A 217 -6.83 -15.69 -0.34
N SER A 218 -6.69 -16.23 -1.53
CA SER A 218 -5.66 -15.76 -2.49
C SER A 218 -5.89 -14.29 -2.88
N LYS A 219 -7.14 -13.78 -2.86
CA LYS A 219 -7.47 -12.41 -3.28
C LYS A 219 -7.01 -11.37 -2.23
N GLN A 220 -6.60 -11.82 -1.06
CA GLN A 220 -6.04 -10.93 -0.01
C GLN A 220 -4.55 -10.66 -0.26
N TYR A 221 -3.91 -11.34 -1.20
CA TYR A 221 -2.43 -11.41 -1.29
C TYR A 221 -1.94 -10.52 -2.40
N LEU A 222 -1.03 -9.60 -2.07
CA LEU A 222 -0.43 -8.69 -3.08
C LEU A 222 1.07 -8.82 -2.97
N ILE A 223 1.77 -8.79 -4.10
CA ILE A 223 3.26 -8.77 -4.12
C ILE A 223 3.70 -7.40 -4.61
N GLY A 224 4.81 -6.88 -4.09
CA GLY A 224 5.23 -5.51 -4.39
C GLY A 224 6.59 -5.44 -5.08
N PHE A 225 6.69 -4.52 -6.03
CA PHE A 225 7.99 -4.12 -6.62
C PHE A 225 8.25 -2.67 -6.18
N SER A 226 9.47 -2.20 -6.39
CA SER A 226 9.84 -0.80 -6.10
C SER A 226 10.16 -0.05 -7.39
N PHE A 227 9.68 1.16 -7.49
CA PHE A 227 10.25 2.14 -8.49
C PHE A 227 11.63 2.55 -8.00
N TYR A 228 12.39 3.19 -8.86
CA TYR A 228 13.75 3.63 -8.48
C TYR A 228 13.68 4.90 -7.61
N GLU A 229 14.09 4.78 -6.35
CA GLU A 229 14.14 5.94 -5.45
C GLU A 229 15.44 6.72 -5.75
N GLU A 230 15.30 8.05 -5.84
CA GLU A 230 16.49 8.95 -5.92
C GLU A 230 17.47 8.55 -4.84
N ASN A 231 18.73 8.32 -5.22
CA ASN A 231 19.83 8.00 -4.27
C ASN A 231 19.58 6.67 -3.54
N GLY A 232 18.74 5.79 -4.08
CA GLY A 232 18.27 4.62 -3.31
C GLY A 232 18.89 3.31 -3.75
N THR A 233 18.40 2.20 -3.22
CA THR A 233 18.80 0.85 -3.64
C THR A 233 18.45 0.62 -5.11
N ASN A 234 19.34 -0.04 -5.85
CA ASN A 234 19.04 -0.38 -7.26
C ASN A 234 18.45 -1.80 -7.25
N TRP A 235 17.15 -1.91 -7.02
CA TRP A 235 16.46 -3.23 -6.96
C TRP A 235 16.35 -3.80 -8.37
N GLY A 236 16.22 -2.93 -9.38
CA GLY A 236 16.12 -3.30 -10.81
C GLY A 236 14.78 -3.92 -11.13
N ASP A 237 13.71 -3.48 -10.47
CA ASP A 237 12.35 -4.02 -10.71
C ASP A 237 11.72 -3.39 -11.95
N THR A 238 12.24 -2.24 -12.42
CA THR A 238 11.59 -1.43 -13.47
C THR A 238 12.56 -1.17 -14.64
N THR A 239 13.39 -2.16 -14.99
CA THR A 239 14.26 -2.16 -16.19
C THR A 239 13.43 -2.06 -17.47
N THR A 240 14.02 -1.52 -18.54
CA THR A 240 13.41 -1.47 -19.89
C THR A 240 13.98 -2.64 -20.67
N PRO A 241 13.17 -3.28 -21.55
CA PRO A 241 11.78 -2.85 -21.81
C PRO A 241 10.82 -3.25 -20.66
N MET A 242 9.73 -2.50 -20.51
CA MET A 242 8.70 -2.69 -19.45
C MET A 242 8.21 -4.15 -19.44
N THR A 243 7.87 -4.72 -20.60
CA THR A 243 7.15 -6.02 -20.68
C THR A 243 8.09 -7.15 -20.29
N SER A 244 9.38 -6.89 -20.08
CA SER A 244 10.35 -7.87 -19.55
C SER A 244 10.69 -7.56 -18.07
N SER A 245 10.19 -6.46 -17.52
CA SER A 245 10.59 -6.01 -16.14
C SER A 245 10.12 -7.03 -15.09
N ARG A 246 10.75 -7.01 -13.91
CA ARG A 246 10.21 -7.72 -12.73
C ARG A 246 8.79 -7.23 -12.42
N ALA A 247 8.51 -5.94 -12.55
CA ALA A 247 7.18 -5.37 -12.25
C ALA A 247 6.14 -6.04 -13.15
N TRP A 248 6.48 -6.22 -14.43
CA TRP A 248 5.55 -6.81 -15.42
C TRP A 248 5.34 -8.29 -15.09
N GLN A 249 6.41 -8.98 -14.73
CA GLN A 249 6.35 -10.42 -14.39
C GLN A 249 5.47 -10.59 -13.14
N TYR A 250 5.56 -9.66 -12.18
CA TYR A 250 4.69 -9.66 -10.97
C TYR A 250 3.22 -9.45 -11.36
N ALA A 251 2.91 -8.53 -12.27
CA ALA A 251 1.53 -8.29 -12.74
C ALA A 251 0.94 -9.57 -13.33
N LYS A 252 1.76 -10.35 -14.05
CA LYS A 252 1.35 -11.61 -14.74
C LYS A 252 1.38 -12.82 -13.81
N TRP A 253 2.14 -12.80 -12.73
CA TRP A 253 2.36 -14.01 -11.90
C TRP A 253 1.05 -14.40 -11.23
N GLN A 254 0.80 -15.71 -11.18
CA GLN A 254 -0.34 -16.26 -10.40
C GLN A 254 0.19 -17.44 -9.61
N PRO A 255 -0.23 -17.58 -8.33
CA PRO A 255 0.05 -18.78 -7.56
C PRO A 255 -0.67 -19.97 -8.24
N SER A 256 -0.10 -21.16 -8.17
CA SER A 256 -0.65 -22.33 -8.89
C SER A 256 -2.09 -22.62 -8.42
N GLY A 257 -3.06 -22.64 -9.34
CA GLY A 257 -4.46 -22.98 -9.03
C GLY A 257 -5.26 -21.84 -8.40
N ALA A 258 -4.74 -20.62 -8.34
CA ALA A 258 -5.44 -19.50 -7.67
C ALA A 258 -5.07 -18.17 -8.34
N THR A 259 -5.84 -17.14 -8.03
CA THR A 259 -5.65 -15.74 -8.50
C THR A 259 -5.30 -14.87 -7.30
N LYS A 260 -4.20 -14.14 -7.41
CA LYS A 260 -3.75 -13.23 -6.33
C LYS A 260 -4.64 -11.99 -6.32
N GLY A 261 -4.47 -11.19 -5.25
CA GLY A 261 -5.27 -9.99 -5.10
C GLY A 261 -4.77 -8.93 -6.05
N GLY A 262 -3.47 -8.90 -6.30
CA GLY A 262 -2.87 -7.86 -7.17
C GLY A 262 -1.44 -7.57 -6.83
N ILE A 263 -1.00 -6.37 -7.18
CA ILE A 263 0.38 -5.91 -6.89
C ILE A 263 0.34 -4.52 -6.29
N PHE A 264 1.47 -4.13 -5.71
CA PHE A 264 1.70 -2.74 -5.28
C PHE A 264 3.09 -2.28 -5.72
N SER A 265 3.26 -0.97 -5.79
CA SER A 265 4.59 -0.36 -5.98
C SER A 265 4.95 0.36 -4.69
N TYR A 266 6.23 0.29 -4.36
CA TYR A 266 6.90 1.23 -3.43
C TYR A 266 7.39 2.44 -4.24
N ALA A 267 7.19 3.63 -3.68
CA ALA A 267 7.60 4.94 -4.27
C ALA A 267 6.88 5.14 -5.61
N ILE A 268 5.55 5.03 -5.61
CA ILE A 268 4.72 5.25 -6.81
C ILE A 268 4.94 6.69 -7.30
N ASP A 269 5.39 7.60 -6.42
CA ASP A 269 5.71 9.00 -6.81
C ASP A 269 6.88 9.04 -7.83
N ARG A 270 7.59 7.92 -8.01
CA ARG A 270 8.78 7.78 -8.88
C ARG A 270 8.45 7.04 -10.19
N ASP A 271 7.19 6.79 -10.47
CA ASP A 271 6.73 5.99 -11.62
C ASP A 271 7.40 6.52 -12.90
N GLY A 272 8.18 5.69 -13.57
CA GLY A 272 8.75 5.98 -14.90
C GLY A 272 10.10 6.69 -14.85
N VAL A 273 10.60 7.07 -13.68
CA VAL A 273 11.97 7.66 -13.60
C VAL A 273 12.98 6.56 -13.88
N ALA A 274 13.95 6.85 -14.76
CA ALA A 274 14.99 5.86 -15.15
C ALA A 274 15.81 5.48 -13.95
N ILE A 275 16.26 4.24 -13.92
CA ILE A 275 17.15 3.73 -12.87
C ILE A 275 18.44 4.55 -12.90
N GLY A 276 18.86 5.10 -11.76
CA GLY A 276 20.09 5.90 -11.66
C GLY A 276 19.84 7.39 -11.82
N ASP A 277 18.69 7.83 -12.31
CA ASP A 277 18.35 9.27 -12.39
C ASP A 277 17.99 9.77 -10.97
N ASN A 278 18.88 10.52 -10.30
CA ASN A 278 18.67 10.93 -8.89
C ASN A 278 18.01 12.30 -8.80
N THR A 279 17.49 12.86 -9.89
CA THR A 279 16.70 14.11 -9.85
C THR A 279 15.22 13.74 -9.69
N LEU A 280 14.42 14.68 -9.22
CA LEU A 280 12.96 14.51 -9.09
C LEU A 280 12.33 14.97 -10.38
N LYS A 281 11.26 14.30 -10.78
CA LYS A 281 10.58 14.50 -12.09
C LYS A 281 9.08 14.38 -11.84
N THR A 282 8.29 15.08 -12.65
CA THR A 282 6.84 14.84 -12.81
C THR A 282 6.66 13.41 -13.33
N THR A 283 5.45 12.87 -13.19
CA THR A 283 5.10 11.54 -13.73
C THR A 283 3.66 11.56 -14.23
N ASP A 284 3.40 10.81 -15.30
CA ASP A 284 2.03 10.60 -15.83
C ASP A 284 1.58 9.18 -15.44
N PHE A 285 2.37 8.49 -14.62
CA PHE A 285 2.03 7.15 -14.09
C PHE A 285 1.81 6.14 -15.22
N THR A 286 2.69 6.15 -16.22
CA THR A 286 2.63 5.18 -17.35
C THR A 286 2.80 3.76 -16.83
N TRP A 287 3.76 3.54 -15.95
CA TRP A 287 4.03 2.16 -15.48
C TRP A 287 2.81 1.63 -14.72
N THR A 288 2.28 2.43 -13.79
CA THR A 288 1.10 2.05 -12.95
C THR A 288 -0.08 1.69 -13.88
N ARG A 289 -0.40 2.58 -14.84
CA ARG A 289 -1.54 2.41 -15.77
C ARG A 289 -1.36 1.18 -16.66
N GLN A 290 -0.16 0.94 -17.18
CA GLN A 290 0.15 -0.21 -18.06
C GLN A 290 0.06 -1.52 -17.24
N LEU A 291 0.51 -1.47 -15.99
CA LEU A 291 0.54 -2.68 -15.13
C LEU A 291 -0.91 -3.04 -14.74
N ILE A 292 -1.77 -2.06 -14.52
CA ILE A 292 -3.20 -2.33 -14.29
C ILE A 292 -3.74 -3.07 -15.52
N GLY A 293 -3.39 -2.58 -16.71
CA GLY A 293 -3.80 -3.24 -17.97
C GLY A 293 -3.27 -4.66 -18.05
N ALA A 294 -2.02 -4.89 -17.68
CA ALA A 294 -1.39 -6.22 -17.73
C ALA A 294 -2.18 -7.18 -16.82
N MET A 295 -2.78 -6.68 -15.73
CA MET A 295 -3.45 -7.56 -14.75
C MET A 295 -4.91 -7.77 -15.16
N ASN A 296 -5.49 -6.83 -15.87
CA ASN A 296 -6.95 -6.80 -16.13
C ASN A 296 -7.20 -6.63 -17.64
N PRO A 297 -6.79 -7.62 -18.47
CA PRO A 297 -6.85 -7.51 -19.93
C PRO A 297 -8.21 -7.83 -20.57
#